data_9FVL
#
_entry.id   9FVL
#
_cell.length_a   74.310
_cell.length_b   69.108
_cell.length_c   82.619
_cell.angle_alpha   90.00
_cell.angle_beta   112.09
_cell.angle_gamma   90.00
#
_symmetry.space_group_name_H-M   'P 1 21 1'
#
loop_
_entity.id
_entity.type
_entity.pdbx_description
1 polymer '14-3-3 protein zeta/delta'
2 polymer 'Isoform 3 of Microtubule-associated protein 2'
3 non-polymer 'CADMIUM ION'
4 water water
#
loop_
_entity_poly.entity_id
_entity_poly.type
_entity_poly.pdbx_seq_one_letter_code
_entity_poly.pdbx_strand_id
1 'polypeptide(L)'
;SVDMDKNELVQKAKLAEQAERYDDMAACMKSVTEQGAELSNEERNLLSVAYKNVVGARRSSWRVVSSIEQKTEGAEKKQQ
MAREYREKIETELRDICNDVLSLLEKFLIPNASQAESKVFYLKMKGDYYRYLAEVAAGDDKKGIVDQSQQAYQEAFEISK
KEMQPTHPIRLGLALNFSVFYYEILNSPEKACSLAKTAFDEAIAELDTLSEESYKDSTLIMQLLRDNLTLWTSDTQGDEA
EAGEGGEN
;
A,B
2 'polypeptide(L)' QIVTKKIDLSHVTKCGSLKNIRHRPGGGR E,F
#
# COMPACT_ATOMS: atom_id res chain seq x y z
N ASP A 5 13.87 -23.24 -1.46
CA ASP A 5 15.29 -22.99 -1.84
C ASP A 5 15.62 -21.55 -1.46
N LYS A 6 16.83 -21.33 -0.95
CA LYS A 6 17.16 -20.05 -0.38
C LYS A 6 17.26 -19.04 -1.52
N ASN A 7 18.00 -19.40 -2.57
CA ASN A 7 18.12 -18.57 -3.76
C ASN A 7 16.75 -18.08 -4.23
N GLU A 8 15.79 -19.00 -4.29
CA GLU A 8 14.46 -18.74 -4.83
C GLU A 8 13.69 -17.78 -3.91
N LEU A 9 13.78 -17.98 -2.60
CA LEU A 9 13.01 -17.18 -1.65
C LEU A 9 13.51 -15.76 -1.79
N VAL A 10 14.81 -15.63 -2.05
CA VAL A 10 15.46 -14.31 -2.07
C VAL A 10 15.07 -13.55 -3.33
N GLN A 11 15.02 -14.24 -4.48
CA GLN A 11 14.49 -13.72 -5.74
C GLN A 11 13.05 -13.25 -5.63
N LYS A 12 12.14 -14.11 -5.16
CA LYS A 12 10.77 -13.72 -4.79
C LYS A 12 10.67 -12.44 -3.95
N ALA A 13 11.45 -12.36 -2.87
CA ALA A 13 11.53 -11.17 -2.02
C ALA A 13 11.83 -9.95 -2.87
N LYS A 14 12.77 -10.10 -3.82
CA LYS A 14 13.17 -8.98 -4.66
C LYS A 14 12.05 -8.60 -5.63
N LEU A 15 11.34 -9.61 -6.14
CA LEU A 15 10.27 -9.34 -7.09
C LEU A 15 9.15 -8.61 -6.35
N ALA A 16 8.83 -9.14 -5.16
CA ALA A 16 7.79 -8.60 -4.31
C ALA A 16 8.13 -7.19 -3.97
N GLU A 17 9.42 -6.93 -3.68
CA GLU A 17 9.87 -5.57 -3.43
C GLU A 17 9.59 -4.71 -4.65
N GLN A 18 9.96 -5.17 -5.85
CA GLN A 18 9.69 -4.37 -7.04
C GLN A 18 8.19 -4.12 -7.23
N ALA A 19 7.35 -5.13 -6.93
CA ALA A 19 5.91 -5.03 -7.05
C ALA A 19 5.25 -4.26 -5.91
N GLU A 20 6.02 -3.84 -4.90
CA GLU A 20 5.51 -3.16 -3.71
C GLU A 20 4.46 -3.99 -2.98
N ARG A 21 4.73 -5.29 -2.81
CA ARG A 21 3.93 -6.26 -2.08
C ARG A 21 4.76 -6.77 -0.89
N TYR A 22 4.78 -5.95 0.16
CA TYR A 22 5.70 -6.10 1.27
C TYR A 22 5.34 -7.28 2.17
N ASP A 23 4.04 -7.63 2.24
CA ASP A 23 3.64 -8.82 2.98
C ASP A 23 4.31 -10.03 2.37
N ASP A 24 4.29 -10.15 1.04
CA ASP A 24 4.96 -11.28 0.38
C ASP A 24 6.46 -11.22 0.60
N MET A 25 7.00 -9.98 0.57
CA MET A 25 8.44 -9.84 0.64
C MET A 25 8.90 -10.39 2.00
N ALA A 26 8.14 -10.06 3.06
CA ALA A 26 8.38 -10.44 4.44
C ALA A 26 8.25 -11.94 4.68
N ALA A 27 7.14 -12.51 4.20
CA ALA A 27 6.92 -13.94 4.22
C ALA A 27 8.11 -14.72 3.64
N CYS A 28 8.65 -14.33 2.49
CA CYS A 28 9.71 -15.20 1.99
C CYS A 28 11.02 -15.01 2.76
N MET A 29 11.27 -13.79 3.25
CA MET A 29 12.44 -13.56 4.08
C MET A 29 12.27 -14.21 5.45
N LYS A 30 11.02 -14.30 5.94
CA LYS A 30 10.70 -15.10 7.11
C LYS A 30 11.14 -16.54 6.88
N SER A 31 10.71 -17.17 5.77
CA SER A 31 11.07 -18.54 5.42
C SER A 31 12.57 -18.72 5.33
N VAL A 32 13.26 -17.81 4.61
CA VAL A 32 14.71 -17.79 4.53
C VAL A 32 15.30 -17.84 5.94
N THR A 33 14.72 -17.10 6.90
CA THR A 33 15.27 -17.03 8.24
C THR A 33 15.05 -18.36 8.99
N GLU A 34 13.89 -18.97 8.82
CA GLU A 34 13.53 -20.16 9.58
C GLU A 34 14.29 -21.39 9.08
N GLN A 35 15.06 -21.25 7.98
CA GLN A 35 15.99 -22.29 7.58
C GLN A 35 17.20 -22.38 8.49
N GLY A 36 17.50 -21.29 9.24
CA GLY A 36 18.29 -21.42 10.46
C GLY A 36 19.74 -21.01 10.25
N ALA A 37 20.12 -20.64 9.04
CA ALA A 37 21.51 -20.27 8.80
C ALA A 37 21.65 -18.76 8.87
N GLU A 38 22.86 -18.30 9.22
CA GLU A 38 23.16 -16.87 9.31
C GLU A 38 22.89 -16.17 7.98
N LEU A 39 22.08 -15.12 8.04
CA LEU A 39 21.77 -14.33 6.86
C LEU A 39 23.01 -13.56 6.40
N SER A 40 23.20 -13.51 5.08
CA SER A 40 24.09 -12.57 4.42
C SER A 40 23.56 -11.15 4.60
N ASN A 41 24.43 -10.21 4.26
CA ASN A 41 24.13 -8.81 4.39
C ASN A 41 22.95 -8.44 3.49
N GLU A 42 22.93 -9.04 2.29
CA GLU A 42 21.86 -8.74 1.36
C GLU A 42 20.56 -9.23 1.98
N GLU A 43 20.53 -10.48 2.42
CA GLU A 43 19.32 -11.10 3.00
C GLU A 43 18.83 -10.31 4.22
N ARG A 44 19.68 -10.09 5.20
CA ARG A 44 19.33 -9.25 6.37
C ARG A 44 18.65 -7.94 5.92
N ASN A 45 19.23 -7.25 4.94
CA ASN A 45 18.70 -5.98 4.50
C ASN A 45 17.36 -6.17 3.81
N LEU A 46 17.24 -7.24 3.03
CA LEU A 46 15.93 -7.50 2.48
C LEU A 46 14.90 -7.66 3.59
N LEU A 47 15.26 -8.43 4.63
CA LEU A 47 14.29 -8.84 5.63
C LEU A 47 13.82 -7.59 6.33
N SER A 48 14.79 -6.74 6.65
CA SER A 48 14.52 -5.58 7.46
C SER A 48 13.68 -4.56 6.66
N VAL A 49 14.00 -4.37 5.38
CA VAL A 49 13.25 -3.50 4.51
C VAL A 49 11.82 -4.03 4.40
N ALA A 50 11.65 -5.34 4.29
CA ALA A 50 10.30 -5.89 4.16
C ALA A 50 9.48 -5.56 5.40
N TYR A 51 10.00 -5.84 6.59
CA TYR A 51 9.17 -5.67 7.76
C TYR A 51 9.05 -4.19 8.15
N LYS A 52 10.02 -3.37 7.74
CA LYS A 52 9.95 -1.92 7.87
C LYS A 52 8.66 -1.44 7.24
N ASN A 53 8.41 -1.91 6.00
CA ASN A 53 7.24 -1.52 5.23
C ASN A 53 5.99 -2.12 5.86
N VAL A 54 6.00 -3.42 6.20
CA VAL A 54 4.83 -4.06 6.77
C VAL A 54 4.36 -3.33 8.04
N VAL A 55 5.32 -3.13 8.97
CA VAL A 55 5.02 -2.54 10.26
C VAL A 55 4.68 -1.06 10.03
N GLY A 56 5.41 -0.42 9.08
CA GLY A 56 5.29 1.03 8.85
C GLY A 56 3.88 1.39 8.45
N ALA A 57 3.30 0.61 7.52
CA ALA A 57 1.95 0.86 7.05
C ALA A 57 0.96 0.91 8.22
N ARG A 58 1.11 -0.04 9.15
CA ARG A 58 0.18 -0.21 10.24
C ARG A 58 0.36 0.93 11.24
N ARG A 59 1.61 1.32 11.47
CA ARG A 59 1.92 2.42 12.38
C ARG A 59 1.32 3.70 11.84
N SER A 60 1.41 3.90 10.52
CA SER A 60 0.80 5.05 9.86
C SER A 60 -0.74 4.98 10.01
N SER A 61 -1.34 3.83 9.71
CA SER A 61 -2.78 3.72 9.82
C SER A 61 -3.21 3.97 11.27
N TRP A 62 -2.49 3.37 12.22
CA TRP A 62 -2.80 3.58 13.62
C TRP A 62 -2.88 5.08 13.94
N ARG A 63 -1.92 5.87 13.48
CA ARG A 63 -1.81 7.27 13.88
C ARG A 63 -3.00 8.06 13.36
N VAL A 64 -3.34 7.81 12.10
CA VAL A 64 -4.48 8.46 11.49
C VAL A 64 -5.75 8.17 12.30
N VAL A 65 -5.97 6.90 12.61
CA VAL A 65 -7.20 6.49 13.27
C VAL A 65 -7.21 6.98 14.71
N SER A 66 -6.06 6.94 15.40
CA SER A 66 -5.93 7.46 16.76
C SER A 66 -6.25 8.95 16.79
N SER A 67 -5.72 9.69 15.81
CA SER A 67 -6.02 11.09 15.65
C SER A 67 -7.53 11.33 15.45
N ILE A 68 -8.16 10.59 14.58
CA ILE A 68 -9.61 10.71 14.45
C ILE A 68 -10.33 10.37 15.77
N GLU A 69 -9.94 9.32 16.48
CA GLU A 69 -10.57 8.95 17.74
C GLU A 69 -10.50 10.13 18.72
N GLN A 70 -9.32 10.75 18.83
CA GLN A 70 -9.15 11.97 19.61
C GLN A 70 -10.16 13.05 19.20
N LYS A 71 -10.16 13.45 17.92
CA LYS A 71 -10.90 14.61 17.47
C LYS A 71 -12.40 14.41 17.53
N THR A 72 -12.85 13.17 17.73
CA THR A 72 -14.28 12.85 17.76
C THR A 72 -14.80 12.75 19.19
N GLU A 73 -13.99 13.16 20.18
CA GLU A 73 -14.46 13.26 21.54
C GLU A 73 -15.67 14.19 21.58
N GLY A 74 -16.75 13.72 22.19
CA GLY A 74 -18.01 14.43 22.17
C GLY A 74 -19.02 13.72 21.26
N ALA A 75 -18.54 13.08 20.17
CA ALA A 75 -19.40 12.28 19.34
C ALA A 75 -19.12 10.80 19.62
N GLU A 76 -19.81 10.27 20.62
CA GLU A 76 -19.29 9.16 21.38
C GLU A 76 -19.39 7.90 20.51
N LYS A 77 -20.37 7.85 19.60
CA LYS A 77 -20.55 6.67 18.74
C LYS A 77 -19.51 6.65 17.62
N LYS A 78 -19.20 7.83 17.09
CA LYS A 78 -18.19 7.91 16.07
C LYS A 78 -16.84 7.49 16.67
N GLN A 79 -16.61 7.91 17.92
CA GLN A 79 -15.34 7.67 18.55
C GLN A 79 -15.15 6.20 18.83
N GLN A 80 -16.22 5.57 19.33
CA GLN A 80 -16.25 4.13 19.56
C GLN A 80 -15.86 3.36 18.28
N MET A 81 -16.38 3.78 17.12
CA MET A 81 -16.12 3.04 15.90
C MET A 81 -14.65 3.19 15.50
N ALA A 82 -14.09 4.38 15.72
CA ALA A 82 -12.67 4.62 15.55
C ALA A 82 -11.84 3.75 16.50
N ARG A 83 -12.28 3.70 17.75
CA ARG A 83 -11.60 2.94 18.78
C ARG A 83 -11.50 1.46 18.45
N GLU A 84 -12.61 0.89 18.03
CA GLU A 84 -12.60 -0.50 17.63
C GLU A 84 -11.70 -0.74 16.41
N TYR A 85 -11.76 0.16 15.43
CA TYR A 85 -10.91 0.07 14.26
C TYR A 85 -9.45 0.16 14.69
N ARG A 86 -9.11 1.10 15.59
CA ARG A 86 -7.72 1.20 16.07
C ARG A 86 -7.24 -0.13 16.69
N GLU A 87 -8.11 -0.82 17.43
CA GLU A 87 -7.77 -2.08 18.10
C GLU A 87 -7.54 -3.19 17.08
N LYS A 88 -8.32 -3.17 16.00
CA LYS A 88 -8.07 -4.07 14.88
C LYS A 88 -6.63 -3.92 14.38
N ILE A 89 -6.25 -2.67 14.12
CA ILE A 89 -4.93 -2.32 13.60
C ILE A 89 -3.86 -2.68 14.62
N GLU A 90 -4.17 -2.47 15.89
CA GLU A 90 -3.24 -2.83 16.95
C GLU A 90 -2.99 -4.34 17.00
N THR A 91 -4.04 -5.15 16.82
CA THR A 91 -3.92 -6.60 16.77
C THR A 91 -2.94 -6.99 15.65
N GLU A 92 -3.04 -6.36 14.48
CA GLU A 92 -2.09 -6.68 13.42
C GLU A 92 -0.66 -6.26 13.82
N LEU A 93 -0.55 -5.08 14.43
CA LEU A 93 0.74 -4.56 14.88
C LEU A 93 1.46 -5.55 15.79
N ARG A 94 0.78 -5.96 16.86
CA ARG A 94 1.29 -6.91 17.82
C ARG A 94 1.81 -8.16 17.14
N ASP A 95 0.99 -8.74 16.24
CA ASP A 95 1.34 -9.95 15.52
C ASP A 95 2.64 -9.78 14.72
N ILE A 96 2.75 -8.66 13.98
CA ILE A 96 3.94 -8.40 13.18
C ILE A 96 5.13 -8.27 14.14
N CYS A 97 5.01 -7.46 15.18
CA CYS A 97 6.11 -7.30 16.11
C CYS A 97 6.55 -8.65 16.71
N ASN A 98 5.57 -9.38 17.25
CA ASN A 98 5.80 -10.69 17.82
C ASN A 98 6.46 -11.63 16.82
N ASP A 99 6.08 -11.56 15.54
CA ASP A 99 6.73 -12.35 14.51
C ASP A 99 8.21 -11.99 14.41
N VAL A 100 8.51 -10.69 14.26
CA VAL A 100 9.90 -10.30 14.11
C VAL A 100 10.76 -10.58 15.34
N LEU A 101 10.19 -10.34 16.54
CA LEU A 101 10.91 -10.55 17.80
C LEU A 101 11.23 -12.04 18.03
N SER A 102 10.28 -12.91 17.64
CA SER A 102 10.51 -14.34 17.65
C SER A 102 11.65 -14.72 16.68
N LEU A 103 11.60 -14.22 15.45
CA LEU A 103 12.68 -14.38 14.50
C LEU A 103 14.01 -13.95 15.12
N LEU A 104 14.03 -12.75 15.71
CA LEU A 104 15.23 -12.23 16.34
C LEU A 104 15.69 -13.15 17.47
N GLU A 105 14.82 -13.49 18.42
CA GLU A 105 15.17 -14.37 19.52
C GLU A 105 15.67 -15.76 19.04
N LYS A 106 15.01 -16.39 18.07
CA LYS A 106 15.30 -17.80 17.75
C LYS A 106 16.43 -17.97 16.74
N PHE A 107 16.52 -17.04 15.77
CA PHE A 107 17.42 -17.19 14.65
C PHE A 107 18.48 -16.09 14.61
N LEU A 108 18.05 -14.82 14.52
CA LEU A 108 18.97 -13.81 14.05
C LEU A 108 19.99 -13.42 15.13
N ILE A 109 19.52 -13.24 16.35
CA ILE A 109 20.47 -12.86 17.38
C ILE A 109 21.42 -14.03 17.69
N PRO A 110 20.94 -15.27 17.93
CA PRO A 110 21.87 -16.40 18.11
C PRO A 110 22.93 -16.61 17.02
N ASN A 111 22.55 -16.40 15.75
CA ASN A 111 23.42 -16.71 14.63
C ASN A 111 24.32 -15.53 14.24
N ALA A 112 24.22 -14.38 14.92
CA ALA A 112 25.01 -13.21 14.58
C ALA A 112 26.46 -13.38 15.05
N SER A 113 27.40 -13.56 14.10
CA SER A 113 28.78 -13.92 14.40
C SER A 113 29.76 -12.75 14.24
N GLN A 114 29.32 -11.58 13.76
CA GLN A 114 30.16 -10.38 13.73
C GLN A 114 29.46 -9.25 14.47
N ALA A 115 30.24 -8.32 15.02
CA ALA A 115 29.76 -7.23 15.85
C ALA A 115 28.71 -6.39 15.11
N GLU A 116 28.92 -6.18 13.81
CA GLU A 116 28.08 -5.33 13.02
C GLU A 116 26.66 -5.88 13.01
N SER A 117 26.54 -7.18 12.82
CA SER A 117 25.25 -7.79 12.61
C SER A 117 24.57 -8.01 13.96
N LYS A 118 25.36 -8.18 15.02
CA LYS A 118 24.82 -8.21 16.38
C LYS A 118 24.13 -6.89 16.72
N VAL A 119 24.77 -5.81 16.32
CA VAL A 119 24.26 -4.49 16.65
C VAL A 119 23.02 -4.23 15.82
N PHE A 120 23.10 -4.59 14.52
CA PHE A 120 21.96 -4.48 13.62
C PHE A 120 20.74 -5.17 14.24
N TYR A 121 20.91 -6.41 14.68
CA TYR A 121 19.78 -7.18 15.18
C TYR A 121 19.34 -6.69 16.56
N LEU A 122 20.27 -6.34 17.47
CA LEU A 122 19.80 -5.80 18.74
C LEU A 122 19.01 -4.50 18.54
N LYS A 123 19.49 -3.65 17.62
CA LYS A 123 18.78 -2.43 17.26
C LYS A 123 17.36 -2.74 16.80
N MET A 124 17.24 -3.70 15.87
CA MET A 124 15.96 -4.15 15.32
C MET A 124 15.04 -4.62 16.47
N LYS A 125 15.60 -5.34 17.44
CA LYS A 125 14.86 -5.80 18.62
C LYS A 125 14.34 -4.61 19.42
N GLY A 126 15.25 -3.68 19.76
CA GLY A 126 14.78 -2.43 20.39
C GLY A 126 13.62 -1.79 19.60
N ASP A 127 13.74 -1.71 18.26
CA ASP A 127 12.72 -1.09 17.42
C ASP A 127 11.35 -1.75 17.62
N TYR A 128 11.29 -3.08 17.47
CA TYR A 128 10.02 -3.80 17.42
C TYR A 128 9.43 -3.83 18.83
N TYR A 129 10.26 -3.87 19.86
CA TYR A 129 9.79 -3.72 21.22
C TYR A 129 9.19 -2.34 21.45
N ARG A 130 9.77 -1.31 20.81
CA ARG A 130 9.31 0.06 20.93
C ARG A 130 7.91 0.19 20.34
N TYR A 131 7.74 -0.41 19.13
CA TYR A 131 6.47 -0.40 18.42
C TYR A 131 5.44 -1.13 19.26
N LEU A 132 5.80 -2.29 19.80
CA LEU A 132 4.93 -3.01 20.71
C LEU A 132 4.52 -2.12 21.88
N ALA A 133 5.48 -1.43 22.48
CA ALA A 133 5.20 -0.69 23.69
C ALA A 133 4.20 0.42 23.37
N GLU A 134 4.20 0.85 22.10
CA GLU A 134 3.48 2.05 21.72
C GLU A 134 1.98 1.80 21.79
N VAL A 135 1.62 0.49 21.74
CA VAL A 135 0.26 0.01 21.72
C VAL A 135 0.00 -1.02 22.83
N ALA A 136 0.80 -1.07 23.89
CA ALA A 136 0.53 -2.02 24.96
C ALA A 136 -0.17 -1.30 26.10
N ALA A 137 -0.74 -2.09 27.00
CA ALA A 137 -1.63 -1.60 28.05
C ALA A 137 -0.95 -1.73 29.41
N GLY A 138 -1.13 -0.70 30.23
CA GLY A 138 -0.83 -0.70 31.66
C GLY A 138 0.48 -1.40 32.00
N ASP A 139 0.39 -2.40 32.88
CA ASP A 139 1.56 -3.04 33.46
C ASP A 139 2.40 -3.78 32.40
N ASP A 140 1.76 -4.25 31.33
CA ASP A 140 2.44 -4.90 30.22
C ASP A 140 3.37 -3.92 29.49
N LYS A 141 2.99 -2.63 29.51
CA LYS A 141 3.70 -1.59 28.75
C LYS A 141 5.07 -1.35 29.37
N LYS A 142 5.09 -1.18 30.70
CA LYS A 142 6.30 -0.92 31.45
C LYS A 142 7.39 -1.95 31.12
N GLY A 143 6.98 -3.23 31.17
CA GLY A 143 7.90 -4.33 30.92
C GLY A 143 8.45 -4.28 29.49
N ILE A 144 7.62 -3.88 28.53
CA ILE A 144 8.04 -3.92 27.14
C ILE A 144 8.97 -2.74 26.83
N VAL A 145 8.72 -1.58 27.46
CA VAL A 145 9.58 -0.41 27.33
C VAL A 145 11.01 -0.74 27.80
N ASP A 146 11.05 -1.42 28.93
CA ASP A 146 12.29 -1.92 29.49
C ASP A 146 12.98 -2.90 28.55
N GLN A 147 12.24 -3.80 27.91
CA GLN A 147 12.92 -4.67 26.95
C GLN A 147 13.48 -3.84 25.79
N SER A 148 12.75 -2.82 25.34
CA SER A 148 13.25 -1.98 24.27
C SER A 148 14.56 -1.36 24.72
N GLN A 149 14.53 -0.79 25.92
CA GLN A 149 15.68 -0.06 26.43
C GLN A 149 16.92 -0.96 26.51
N GLN A 150 16.77 -2.18 27.03
CA GLN A 150 17.90 -3.09 27.23
C GLN A 150 18.50 -3.47 25.89
N ALA A 151 17.65 -3.74 24.87
CA ALA A 151 18.17 -4.16 23.58
C ALA A 151 18.96 -3.01 22.92
N TYR A 152 18.44 -1.78 22.97
CA TYR A 152 19.16 -0.60 22.47
C TYR A 152 20.46 -0.35 23.25
N GLN A 153 20.45 -0.50 24.57
CA GLN A 153 21.65 -0.20 25.36
C GLN A 153 22.77 -1.19 25.02
N GLU A 154 22.42 -2.47 24.94
CA GLU A 154 23.39 -3.49 24.59
C GLU A 154 23.92 -3.21 23.19
N ALA A 155 23.04 -2.85 22.27
CA ALA A 155 23.47 -2.49 20.92
C ALA A 155 24.45 -1.33 20.99
N PHE A 156 24.10 -0.34 21.81
CA PHE A 156 24.81 0.92 21.87
C PHE A 156 26.23 0.67 22.38
N GLU A 157 26.35 -0.16 23.42
CA GLU A 157 27.65 -0.50 23.97
C GLU A 157 28.51 -1.24 22.95
N ILE A 158 27.96 -2.24 22.24
CA ILE A 158 28.76 -2.98 21.29
C ILE A 158 29.24 -1.99 20.21
N SER A 159 28.34 -1.13 19.71
CA SER A 159 28.66 -0.22 18.63
C SER A 159 29.76 0.78 19.02
N LYS A 160 29.71 1.25 20.27
CA LYS A 160 30.71 2.18 20.77
C LYS A 160 32.10 1.55 20.70
N LYS A 161 32.19 0.22 20.85
CA LYS A 161 33.48 -0.44 20.95
C LYS A 161 33.96 -0.94 19.59
N GLU A 162 33.06 -1.22 18.64
CA GLU A 162 33.40 -2.05 17.49
C GLU A 162 33.20 -1.32 16.18
N MET A 163 32.61 -0.12 16.22
CA MET A 163 32.19 0.55 15.00
C MET A 163 32.58 2.02 15.04
N GLN A 164 32.93 2.57 13.88
CA GLN A 164 33.28 3.98 13.76
C GLN A 164 32.00 4.80 13.95
N PRO A 165 32.10 6.06 14.43
CA PRO A 165 30.94 6.93 14.59
C PRO A 165 30.20 7.25 13.30
N THR A 166 30.86 7.00 12.15
CA THR A 166 30.28 7.25 10.83
C THR A 166 29.55 6.04 10.26
N HIS A 167 29.59 4.91 10.98
CA HIS A 167 29.00 3.68 10.48
C HIS A 167 27.48 3.85 10.49
N PRO A 168 26.76 3.64 9.36
CA PRO A 168 25.32 3.87 9.33
C PRO A 168 24.50 3.09 10.35
N ILE A 169 24.94 1.89 10.73
CA ILE A 169 24.23 1.12 11.74
C ILE A 169 24.36 1.80 13.10
N ARG A 170 25.58 2.20 13.48
CA ARG A 170 25.78 2.89 14.75
C ARG A 170 25.02 4.21 14.78
N LEU A 171 25.09 5.01 13.70
CA LEU A 171 24.27 6.20 13.59
C LEU A 171 22.76 5.90 13.66
N GLY A 172 22.28 4.92 12.87
CA GLY A 172 20.86 4.60 12.90
C GLY A 172 20.41 4.20 14.31
N LEU A 173 21.26 3.41 14.99
CA LEU A 173 21.03 3.05 16.39
C LEU A 173 20.94 4.31 17.26
N ALA A 174 21.88 5.27 17.10
CA ALA A 174 21.82 6.48 17.91
C ALA A 174 20.54 7.25 17.63
N LEU A 175 20.11 7.31 16.37
CA LEU A 175 18.89 8.03 16.03
C LEU A 175 17.70 7.41 16.75
N ASN A 176 17.50 6.08 16.59
CA ASN A 176 16.31 5.42 17.10
C ASN A 176 16.33 5.34 18.62
N PHE A 177 17.50 5.12 19.23
CA PHE A 177 17.57 5.15 20.70
C PHE A 177 17.22 6.54 21.22
N SER A 178 17.70 7.60 20.55
CA SER A 178 17.37 8.96 20.97
C SER A 178 15.86 9.18 20.84
N VAL A 179 15.26 8.72 19.75
CA VAL A 179 13.81 8.78 19.58
C VAL A 179 13.09 8.01 20.68
N PHE A 180 13.62 6.85 21.09
CA PHE A 180 12.99 6.12 22.19
C PHE A 180 12.98 7.03 23.43
N TYR A 181 14.13 7.60 23.79
CA TYR A 181 14.23 8.43 24.98
C TYR A 181 13.17 9.54 24.91
N TYR A 182 13.00 10.13 23.72
CA TYR A 182 12.15 11.30 23.59
C TYR A 182 10.67 10.86 23.63
N GLU A 183 10.29 9.97 22.73
CA GLU A 183 8.89 9.67 22.53
C GLU A 183 8.33 8.66 23.53
N ILE A 184 9.20 7.79 24.08
CA ILE A 184 8.69 6.71 24.92
C ILE A 184 8.95 7.05 26.39
N LEU A 185 10.16 7.54 26.73
CA LEU A 185 10.46 7.84 28.12
C LEU A 185 10.29 9.32 28.44
N ASN A 186 9.86 10.14 27.48
CA ASN A 186 9.66 11.57 27.73
C ASN A 186 10.91 12.16 28.42
N SER A 187 12.09 11.90 27.86
CA SER A 187 13.32 12.56 28.27
C SER A 187 13.88 13.33 27.08
N PRO A 188 13.46 14.60 26.84
CA PRO A 188 14.04 15.39 25.76
C PRO A 188 15.52 15.61 26.01
N GLU A 189 15.90 15.81 27.28
CA GLU A 189 17.29 16.09 27.63
C GLU A 189 18.13 14.92 27.15
N LYS A 190 17.77 13.71 27.61
CA LYS A 190 18.58 12.54 27.32
C LYS A 190 18.53 12.25 25.82
N ALA A 191 17.38 12.44 25.18
CA ALA A 191 17.26 12.23 23.75
C ALA A 191 18.22 13.14 22.99
N CYS A 192 18.22 14.42 23.37
CA CYS A 192 18.96 15.47 22.67
C CYS A 192 20.47 15.29 22.81
N SER A 193 20.90 14.77 23.96
CA SER A 193 22.32 14.63 24.25
C SER A 193 22.90 13.43 23.49
N LEU A 194 22.12 12.35 23.43
CA LEU A 194 22.47 11.18 22.62
C LEU A 194 22.58 11.56 21.14
N ALA A 195 21.59 12.27 20.63
CA ALA A 195 21.57 12.68 19.24
C ALA A 195 22.74 13.61 18.92
N LYS A 196 22.95 14.61 19.80
CA LYS A 196 24.05 15.57 19.66
C LYS A 196 25.40 14.85 19.63
N THR A 197 25.62 13.93 20.57
CA THR A 197 26.90 13.25 20.66
C THR A 197 27.15 12.42 19.40
N ALA A 198 26.13 11.68 18.93
CA ALA A 198 26.34 10.83 17.77
C ALA A 198 26.64 11.72 16.57
N PHE A 199 25.87 12.79 16.42
CA PHE A 199 26.07 13.69 15.30
C PHE A 199 27.48 14.30 15.30
N ASP A 200 27.90 14.82 16.45
CA ASP A 200 29.18 15.52 16.58
C ASP A 200 30.35 14.56 16.38
N GLU A 201 30.18 13.31 16.83
CA GLU A 201 31.26 12.36 16.73
C GLU A 201 31.41 11.94 15.26
N ALA A 202 30.29 11.83 14.53
CA ALA A 202 30.36 11.48 13.11
C ALA A 202 31.09 12.60 12.34
N ILE A 203 30.77 13.86 12.64
CA ILE A 203 31.41 15.00 11.99
C ILE A 203 32.89 14.97 12.29
N ALA A 204 33.23 14.80 13.57
CA ALA A 204 34.62 14.85 14.00
C ALA A 204 35.43 13.70 13.35
N GLU A 205 34.80 12.58 12.98
CA GLU A 205 35.51 11.52 12.28
C GLU A 205 35.01 11.35 10.83
N LEU A 206 34.67 12.49 10.18
CA LEU A 206 34.07 12.45 8.86
C LEU A 206 35.00 11.76 7.86
N ASP A 207 36.32 11.86 8.12
CA ASP A 207 37.36 11.23 7.34
C ASP A 207 37.18 9.71 7.21
N THR A 208 36.47 9.07 8.16
CA THR A 208 36.24 7.63 8.16
C THR A 208 34.98 7.26 7.36
N LEU A 209 34.13 8.21 6.97
CA LEU A 209 32.90 7.87 6.25
C LEU A 209 33.26 7.32 4.88
N SER A 210 32.91 6.05 4.63
CA SER A 210 33.30 5.36 3.41
C SER A 210 32.37 5.77 2.26
N GLU A 211 32.79 5.46 1.03
CA GLU A 211 32.03 5.81 -0.17
C GLU A 211 30.69 5.08 -0.17
N GLU A 212 30.71 3.78 0.16
CA GLU A 212 29.53 2.93 0.12
C GLU A 212 28.51 3.36 1.18
N SER A 213 28.94 3.90 2.31
CA SER A 213 28.01 4.22 3.39
C SER A 213 27.58 5.69 3.36
N TYR A 214 28.16 6.48 2.45
CA TYR A 214 28.01 7.93 2.44
C TYR A 214 26.54 8.34 2.48
N LYS A 215 25.73 7.75 1.59
CA LYS A 215 24.34 8.17 1.44
C LYS A 215 23.53 7.88 2.70
N ASP A 216 23.66 6.67 3.26
CA ASP A 216 22.85 6.26 4.40
C ASP A 216 23.25 7.04 5.66
N SER A 217 24.56 7.23 5.88
CA SER A 217 25.02 7.92 7.07
C SER A 217 24.52 9.35 7.07
N THR A 218 24.59 10.03 5.90
CA THR A 218 24.31 11.45 5.82
C THR A 218 22.81 11.68 6.00
N LEU A 219 21.99 10.81 5.42
CA LEU A 219 20.55 10.85 5.66
C LEU A 219 20.25 10.74 7.16
N ILE A 220 20.92 9.81 7.85
CA ILE A 220 20.67 9.61 9.28
C ILE A 220 21.15 10.85 10.03
N MET A 221 22.29 11.40 9.59
CA MET A 221 22.89 12.56 10.26
C MET A 221 21.94 13.74 10.11
N GLN A 222 21.34 13.85 8.95
CA GLN A 222 20.29 14.83 8.72
C GLN A 222 19.12 14.61 9.69
N LEU A 223 18.65 13.36 9.86
CA LEU A 223 17.52 13.06 10.73
C LEU A 223 17.88 13.40 12.17
N LEU A 224 19.11 13.08 12.59
CA LEU A 224 19.62 13.44 13.91
C LEU A 224 19.58 14.95 14.13
N ARG A 225 20.09 15.73 13.16
CA ARG A 225 20.28 17.15 13.43
C ARG A 225 18.91 17.85 13.39
N ASP A 226 18.00 17.40 12.53
CA ASP A 226 16.62 17.86 12.51
C ASP A 226 15.91 17.55 13.83
N ASN A 227 16.06 16.31 14.33
CA ASN A 227 15.43 15.92 15.59
C ASN A 227 15.91 16.85 16.69
N LEU A 228 17.22 17.05 16.73
CA LEU A 228 17.89 17.93 17.69
C LEU A 228 17.37 19.37 17.62
N THR A 229 17.05 19.87 16.41
CA THR A 229 16.52 21.22 16.29
C THR A 229 15.13 21.28 16.92
N LEU A 230 14.26 20.36 16.51
CA LEU A 230 12.89 20.27 16.98
C LEU A 230 12.83 20.19 18.50
N TRP A 231 13.73 19.41 19.12
CA TRP A 231 13.60 19.11 20.53
C TRP A 231 14.04 20.30 21.38
N THR A 232 15.09 21.01 20.96
CA THR A 232 15.68 22.08 21.76
C THR A 232 15.03 23.43 21.43
N SER A 233 13.90 23.40 20.71
CA SER A 233 13.14 24.60 20.43
C SER A 233 11.91 24.68 21.35
N MET B 4 -22.93 -5.23 12.32
CA MET B 4 -23.42 -5.52 10.95
C MET B 4 -24.55 -4.56 10.61
N ASP B 5 -24.30 -3.26 10.80
CA ASP B 5 -25.28 -2.20 10.61
C ASP B 5 -24.81 -1.27 9.48
N LYS B 6 -25.75 -0.74 8.68
CA LYS B 6 -25.35 -0.08 7.46
C LYS B 6 -24.60 1.20 7.80
N ASN B 7 -25.12 1.96 8.77
CA ASN B 7 -24.49 3.19 9.20
C ASN B 7 -23.06 2.93 9.68
N GLU B 8 -22.86 1.79 10.35
CA GLU B 8 -21.60 1.45 10.99
C GLU B 8 -20.61 0.93 9.93
N LEU B 9 -21.12 0.22 8.92
CA LEU B 9 -20.29 -0.29 7.86
C LEU B 9 -19.76 0.88 7.05
N VAL B 10 -20.61 1.89 6.85
CA VAL B 10 -20.24 3.05 6.03
C VAL B 10 -19.18 3.93 6.70
N GLN B 11 -19.27 4.09 8.04
CA GLN B 11 -18.32 4.88 8.81
C GLN B 11 -16.97 4.16 8.85
N LYS B 12 -16.99 2.83 9.01
CA LYS B 12 -15.82 2.01 8.93
C LYS B 12 -15.10 2.17 7.57
N ALA B 13 -15.91 2.17 6.50
CA ALA B 13 -15.41 2.32 5.14
C ALA B 13 -14.64 3.63 5.04
N LYS B 14 -15.20 4.67 5.67
CA LYS B 14 -14.59 6.00 5.67
C LYS B 14 -13.30 6.06 6.50
N LEU B 15 -13.30 5.41 7.66
CA LEU B 15 -12.12 5.30 8.52
C LEU B 15 -11.00 4.52 7.77
N ALA B 16 -11.36 3.39 7.14
CA ALA B 16 -10.43 2.58 6.38
C ALA B 16 -9.81 3.40 5.26
N GLU B 17 -10.65 4.17 4.56
CA GLU B 17 -10.17 5.05 3.51
C GLU B 17 -9.16 6.04 4.07
N GLN B 18 -9.46 6.68 5.21
CA GLN B 18 -8.50 7.61 5.81
C GLN B 18 -7.18 6.89 6.15
N ALA B 19 -7.30 5.64 6.60
CA ALA B 19 -6.17 4.83 7.05
C ALA B 19 -5.43 4.20 5.87
N GLU B 20 -5.98 4.38 4.66
CA GLU B 20 -5.51 3.73 3.43
C GLU B 20 -5.40 2.20 3.56
N ARG B 21 -6.41 1.57 4.14
CA ARG B 21 -6.59 0.13 4.18
C ARG B 21 -7.78 -0.22 3.28
N TYR B 22 -7.49 -0.32 1.98
CA TYR B 22 -8.52 -0.36 0.94
C TYR B 22 -9.22 -1.72 0.94
N ASP B 23 -8.48 -2.78 1.30
CA ASP B 23 -9.08 -4.10 1.45
C ASP B 23 -10.19 -4.03 2.50
N ASP B 24 -9.95 -3.41 3.65
CA ASP B 24 -10.99 -3.26 4.66
C ASP B 24 -12.11 -2.38 4.11
N MET B 25 -11.72 -1.38 3.31
CA MET B 25 -12.69 -0.42 2.81
C MET B 25 -13.65 -1.15 1.89
N ALA B 26 -13.12 -2.06 1.06
CA ALA B 26 -13.92 -2.85 0.11
C ALA B 26 -14.84 -3.84 0.82
N ALA B 27 -14.26 -4.56 1.79
CA ALA B 27 -15.01 -5.58 2.49
C ALA B 27 -16.20 -4.94 3.20
N CYS B 28 -16.00 -3.70 3.68
CA CYS B 28 -17.07 -3.07 4.42
C CYS B 28 -18.22 -2.77 3.44
N MET B 29 -17.83 -2.22 2.29
CA MET B 29 -18.77 -1.74 1.32
C MET B 29 -19.39 -2.96 0.62
N LYS B 30 -18.65 -4.05 0.54
CA LYS B 30 -19.19 -5.30 0.06
C LYS B 30 -20.38 -5.71 0.94
N SER B 31 -20.14 -5.74 2.26
CA SER B 31 -21.18 -6.08 3.24
C SER B 31 -22.37 -5.14 3.11
N VAL B 32 -22.14 -3.82 2.92
CA VAL B 32 -23.24 -2.87 2.74
C VAL B 32 -24.07 -3.28 1.54
N THR B 33 -23.40 -3.66 0.44
CA THR B 33 -24.08 -4.07 -0.78
C THR B 33 -24.90 -5.35 -0.50
N GLU B 34 -24.35 -6.28 0.27
CA GLU B 34 -24.93 -7.63 0.41
C GLU B 34 -26.19 -7.61 1.28
N GLN B 35 -26.50 -6.46 1.91
CA GLN B 35 -27.75 -6.29 2.65
C GLN B 35 -28.91 -5.99 1.71
N GLY B 36 -28.60 -5.63 0.45
CA GLY B 36 -29.51 -5.90 -0.63
C GLY B 36 -30.33 -4.68 -1.02
N ALA B 37 -30.21 -3.58 -0.26
CA ALA B 37 -30.92 -2.35 -0.63
C ALA B 37 -30.07 -1.50 -1.58
N GLU B 38 -30.74 -0.64 -2.36
CA GLU B 38 -30.07 0.22 -3.33
C GLU B 38 -29.12 1.17 -2.60
N LEU B 39 -27.88 1.22 -3.06
CA LEU B 39 -26.86 2.10 -2.49
C LEU B 39 -27.22 3.54 -2.79
N SER B 40 -27.04 4.38 -1.78
CA SER B 40 -26.99 5.84 -1.93
C SER B 40 -25.79 6.23 -2.78
N ASN B 41 -25.83 7.47 -3.29
CA ASN B 41 -24.74 8.00 -4.09
C ASN B 41 -23.44 7.93 -3.31
N GLU B 42 -23.52 8.29 -2.02
CA GLU B 42 -22.36 8.24 -1.17
C GLU B 42 -21.79 6.82 -1.14
N GLU B 43 -22.62 5.82 -0.86
CA GLU B 43 -22.18 4.45 -0.67
C GLU B 43 -21.62 3.85 -1.97
N ARG B 44 -22.34 4.09 -3.08
CA ARG B 44 -21.84 3.78 -4.40
C ARG B 44 -20.41 4.29 -4.61
N ASN B 45 -20.14 5.57 -4.32
CA ASN B 45 -18.82 6.15 -4.54
C ASN B 45 -17.78 5.52 -3.62
N LEU B 46 -18.14 5.27 -2.35
CA LEU B 46 -17.20 4.59 -1.49
C LEU B 46 -16.81 3.21 -2.05
N LEU B 47 -17.82 2.44 -2.47
CA LEU B 47 -17.60 1.09 -2.97
C LEU B 47 -16.64 1.16 -4.17
N SER B 48 -16.90 2.11 -5.06
CA SER B 48 -16.17 2.25 -6.30
C SER B 48 -14.70 2.63 -6.05
N VAL B 49 -14.48 3.62 -5.18
CA VAL B 49 -13.17 4.05 -4.75
C VAL B 49 -12.41 2.89 -4.11
N ALA B 50 -13.05 2.22 -3.15
CA ALA B 50 -12.42 1.09 -2.50
C ALA B 50 -11.93 0.07 -3.54
N TYR B 51 -12.81 -0.51 -4.34
CA TYR B 51 -12.34 -1.53 -5.26
C TYR B 51 -11.41 -0.97 -6.34
N LYS B 52 -11.49 0.33 -6.65
CA LYS B 52 -10.58 0.95 -7.59
C LYS B 52 -9.17 0.73 -7.08
N ASN B 53 -9.02 0.93 -5.77
CA ASN B 53 -7.72 0.94 -5.10
C ASN B 53 -7.24 -0.49 -4.99
N VAL B 54 -8.13 -1.40 -4.58
CA VAL B 54 -7.80 -2.80 -4.39
C VAL B 54 -7.30 -3.42 -5.71
N VAL B 55 -8.11 -3.28 -6.76
CA VAL B 55 -7.77 -3.83 -8.06
C VAL B 55 -6.58 -3.07 -8.65
N GLY B 56 -6.53 -1.74 -8.44
CA GLY B 56 -5.48 -0.90 -9.00
C GLY B 56 -4.09 -1.31 -8.48
N ALA B 57 -4.00 -1.71 -7.19
CA ALA B 57 -2.74 -2.20 -6.64
C ALA B 57 -2.24 -3.41 -7.42
N ARG B 58 -3.15 -4.36 -7.70
CA ARG B 58 -2.77 -5.60 -8.35
C ARG B 58 -2.41 -5.38 -9.82
N ARG B 59 -3.16 -4.51 -10.51
CA ARG B 59 -2.87 -4.17 -11.90
C ARG B 59 -1.48 -3.56 -11.97
N SER B 60 -1.19 -2.68 -11.04
CA SER B 60 0.09 -1.98 -11.06
C SER B 60 1.23 -2.97 -10.75
N SER B 61 0.99 -3.90 -9.81
CA SER B 61 2.00 -4.90 -9.49
C SER B 61 2.24 -5.80 -10.69
N TRP B 62 1.14 -6.20 -11.34
CA TRP B 62 1.21 -7.14 -12.45
C TRP B 62 2.07 -6.55 -13.55
N ARG B 63 1.95 -5.24 -13.80
CA ARG B 63 2.68 -4.60 -14.88
C ARG B 63 4.17 -4.66 -14.60
N VAL B 64 4.56 -4.44 -13.35
CA VAL B 64 5.96 -4.53 -12.95
C VAL B 64 6.47 -5.95 -13.15
N VAL B 65 5.76 -6.95 -12.62
CA VAL B 65 6.32 -8.28 -12.63
C VAL B 65 6.30 -8.75 -14.08
N SER B 66 5.28 -8.33 -14.86
CA SER B 66 5.19 -8.73 -16.26
C SER B 66 6.35 -8.16 -17.06
N SER B 67 6.72 -6.91 -16.76
CA SER B 67 7.83 -6.27 -17.43
C SER B 67 9.13 -7.01 -17.11
N ILE B 68 9.31 -7.38 -15.86
CA ILE B 68 10.47 -8.16 -15.48
C ILE B 68 10.55 -9.52 -16.20
N GLU B 69 9.44 -10.25 -16.27
CA GLU B 69 9.38 -11.53 -16.96
C GLU B 69 9.89 -11.35 -18.40
N GLN B 70 9.41 -10.30 -19.09
CA GLN B 70 9.79 -10.06 -20.47
C GLN B 70 11.29 -9.76 -20.57
N LYS B 71 11.82 -8.94 -19.66
CA LYS B 71 13.21 -8.53 -19.70
C LYS B 71 14.15 -9.65 -19.25
N THR B 72 13.64 -10.71 -18.65
CA THR B 72 14.47 -11.84 -18.27
C THR B 72 14.46 -12.96 -19.30
N GLU B 73 13.94 -12.76 -20.53
CA GLU B 73 14.08 -13.81 -21.52
C GLU B 73 15.56 -14.16 -21.68
N GLY B 74 15.89 -15.45 -21.80
CA GLY B 74 17.27 -15.88 -21.86
C GLY B 74 17.73 -16.43 -20.50
N ALA B 75 17.32 -15.76 -19.40
CA ALA B 75 17.67 -16.20 -18.06
C ALA B 75 16.47 -16.96 -17.49
N GLU B 76 16.41 -18.26 -17.85
CA GLU B 76 15.12 -18.92 -18.01
C GLU B 76 14.58 -19.22 -16.62
N LYS B 77 15.45 -19.54 -15.65
CA LYS B 77 14.95 -19.93 -14.33
C LYS B 77 14.38 -18.70 -13.60
N LYS B 78 14.97 -17.53 -13.90
CA LYS B 78 14.62 -16.28 -13.27
C LYS B 78 13.32 -15.79 -13.89
N GLN B 79 13.20 -16.01 -15.20
CA GLN B 79 11.97 -15.63 -15.86
C GLN B 79 10.83 -16.42 -15.24
N GLN B 80 11.08 -17.70 -14.97
CA GLN B 80 10.06 -18.62 -14.47
C GLN B 80 9.56 -18.24 -13.07
N MET B 81 10.51 -17.70 -12.26
CA MET B 81 10.21 -17.18 -10.94
C MET B 81 9.25 -15.98 -11.07
N ALA B 82 9.56 -15.07 -12.01
CA ALA B 82 8.69 -13.94 -12.32
C ALA B 82 7.33 -14.42 -12.83
N ARG B 83 7.33 -15.43 -13.72
CA ARG B 83 6.10 -16.01 -14.28
C ARG B 83 5.14 -16.54 -13.20
N GLU B 84 5.63 -17.28 -12.21
CA GLU B 84 4.74 -17.86 -11.20
C GLU B 84 4.22 -16.77 -10.23
N TYR B 85 5.09 -15.83 -9.88
CA TYR B 85 4.73 -14.66 -9.11
C TYR B 85 3.68 -13.84 -9.88
N ARG B 86 3.86 -13.61 -11.20
CA ARG B 86 2.78 -12.98 -12.00
C ARG B 86 1.44 -13.72 -11.86
N GLU B 87 1.46 -15.06 -11.91
CA GLU B 87 0.29 -15.91 -11.75
C GLU B 87 -0.35 -15.78 -10.38
N LYS B 88 0.47 -15.66 -9.33
CA LYS B 88 -0.05 -15.37 -7.99
C LYS B 88 -0.90 -14.10 -8.02
N ILE B 89 -0.35 -13.03 -8.60
CA ILE B 89 -0.99 -11.70 -8.68
C ILE B 89 -2.25 -11.78 -9.57
N GLU B 90 -2.17 -12.53 -10.64
CA GLU B 90 -3.33 -12.76 -11.51
C GLU B 90 -4.50 -13.41 -10.77
N THR B 91 -4.22 -14.44 -9.95
CA THR B 91 -5.22 -15.13 -9.16
C THR B 91 -5.95 -14.13 -8.27
N GLU B 92 -5.18 -13.25 -7.61
CA GLU B 92 -5.78 -12.24 -6.76
C GLU B 92 -6.68 -11.34 -7.62
N LEU B 93 -6.18 -10.96 -8.79
CA LEU B 93 -6.88 -10.06 -9.70
C LEU B 93 -8.22 -10.64 -10.17
N ARG B 94 -8.22 -11.94 -10.52
CA ARG B 94 -9.41 -12.65 -10.90
C ARG B 94 -10.41 -12.68 -9.74
N ASP B 95 -9.91 -12.96 -8.52
CA ASP B 95 -10.78 -13.00 -7.37
C ASP B 95 -11.46 -11.65 -7.16
N ILE B 96 -10.69 -10.55 -7.26
CA ILE B 96 -11.24 -9.22 -7.01
C ILE B 96 -12.32 -8.95 -8.06
N CYS B 97 -11.99 -9.23 -9.34
CA CYS B 97 -12.90 -8.97 -10.45
C CYS B 97 -14.17 -9.81 -10.30
N ASN B 98 -14.00 -11.10 -9.96
CA ASN B 98 -15.16 -11.96 -9.73
C ASN B 98 -16.03 -11.47 -8.60
N ASP B 99 -15.43 -10.97 -7.51
CA ASP B 99 -16.19 -10.43 -6.38
C ASP B 99 -17.08 -9.27 -6.86
N VAL B 100 -16.48 -8.30 -7.56
CA VAL B 100 -17.18 -7.10 -7.99
C VAL B 100 -18.28 -7.41 -9.01
N LEU B 101 -17.95 -8.28 -9.98
CA LEU B 101 -18.89 -8.68 -11.01
C LEU B 101 -20.09 -9.44 -10.41
N SER B 102 -19.81 -10.30 -9.40
CA SER B 102 -20.92 -10.92 -8.69
C SER B 102 -21.77 -9.87 -7.96
N LEU B 103 -21.16 -8.95 -7.20
CA LEU B 103 -21.94 -7.89 -6.61
C LEU B 103 -22.79 -7.19 -7.67
N LEU B 104 -22.15 -6.87 -8.80
CA LEU B 104 -22.82 -6.14 -9.88
C LEU B 104 -24.03 -6.91 -10.38
N GLU B 105 -23.87 -8.22 -10.58
CA GLU B 105 -24.93 -9.07 -11.11
C GLU B 105 -26.08 -9.24 -10.11
N LYS B 106 -25.79 -9.61 -8.85
CA LYS B 106 -26.82 -9.97 -7.89
C LYS B 106 -27.54 -8.75 -7.29
N PHE B 107 -26.77 -7.69 -7.06
CA PHE B 107 -27.28 -6.56 -6.27
C PHE B 107 -27.33 -5.29 -7.09
N LEU B 108 -26.20 -4.79 -7.58
CA LEU B 108 -26.17 -3.38 -7.93
C LEU B 108 -26.92 -3.12 -9.23
N ILE B 109 -26.72 -3.99 -10.23
CA ILE B 109 -27.45 -3.75 -11.46
C ILE B 109 -28.96 -3.94 -11.24
N PRO B 110 -29.45 -5.07 -10.65
CA PRO B 110 -30.89 -5.21 -10.42
C PRO B 110 -31.51 -4.12 -9.56
N ASN B 111 -30.74 -3.55 -8.61
CA ASN B 111 -31.31 -2.57 -7.71
C ASN B 111 -31.27 -1.14 -8.30
N ALA B 112 -30.57 -0.93 -9.42
CA ALA B 112 -30.44 0.39 -9.98
C ALA B 112 -31.78 0.96 -10.47
N SER B 113 -32.34 1.95 -9.75
CA SER B 113 -33.66 2.45 -10.14
C SER B 113 -33.58 3.68 -11.05
N GLN B 114 -32.43 4.33 -11.20
CA GLN B 114 -32.33 5.48 -12.10
C GLN B 114 -31.23 5.28 -13.13
N ALA B 115 -31.39 5.97 -14.28
CA ALA B 115 -30.52 5.87 -15.45
C ALA B 115 -29.06 6.09 -15.08
N GLU B 116 -28.81 7.13 -14.27
CA GLU B 116 -27.46 7.51 -13.89
C GLU B 116 -26.73 6.31 -13.27
N SER B 117 -27.42 5.62 -12.37
CA SER B 117 -26.78 4.65 -11.51
C SER B 117 -26.67 3.34 -12.29
N LYS B 118 -27.65 3.05 -13.15
CA LYS B 118 -27.57 1.94 -14.06
C LYS B 118 -26.36 2.08 -14.97
N VAL B 119 -26.10 3.31 -15.43
CA VAL B 119 -24.99 3.55 -16.33
C VAL B 119 -23.68 3.39 -15.57
N PHE B 120 -23.65 3.98 -14.37
CA PHE B 120 -22.49 3.87 -13.51
C PHE B 120 -22.11 2.40 -13.31
N TYR B 121 -23.08 1.57 -12.97
CA TYR B 121 -22.80 0.17 -12.69
C TYR B 121 -22.50 -0.65 -13.96
N LEU B 122 -23.15 -0.35 -15.08
CA LEU B 122 -22.79 -1.08 -16.29
C LEU B 122 -21.37 -0.76 -16.74
N LYS B 123 -20.99 0.53 -16.63
CA LYS B 123 -19.62 0.97 -16.87
C LYS B 123 -18.66 0.17 -15.99
N MET B 124 -19.00 0.02 -14.72
CA MET B 124 -18.16 -0.64 -13.75
C MET B 124 -17.97 -2.12 -14.17
N LYS B 125 -19.04 -2.71 -14.69
CA LYS B 125 -19.04 -4.09 -15.19
C LYS B 125 -18.11 -4.23 -16.38
N GLY B 126 -18.27 -3.31 -17.36
CA GLY B 126 -17.30 -3.22 -18.45
C GLY B 126 -15.85 -3.08 -17.93
N ASP B 127 -15.64 -2.19 -16.96
CA ASP B 127 -14.33 -2.03 -16.35
C ASP B 127 -13.82 -3.38 -15.83
N TYR B 128 -14.56 -4.05 -14.95
CA TYR B 128 -13.98 -5.20 -14.27
C TYR B 128 -13.84 -6.38 -15.25
N TYR B 129 -14.74 -6.49 -16.21
CA TYR B 129 -14.56 -7.45 -17.27
C TYR B 129 -13.29 -7.14 -18.04
N ARG B 130 -13.01 -5.84 -18.26
CA ARG B 130 -11.81 -5.44 -18.97
C ARG B 130 -10.57 -5.95 -18.26
N TYR B 131 -10.49 -5.65 -16.96
CA TYR B 131 -9.37 -6.06 -16.11
C TYR B 131 -9.25 -7.59 -16.12
N LEU B 132 -10.35 -8.33 -15.99
CA LEU B 132 -10.35 -9.79 -16.12
C LEU B 132 -9.72 -10.21 -17.44
N ALA B 133 -10.14 -9.57 -18.54
CA ALA B 133 -9.73 -9.97 -19.89
C ALA B 133 -8.22 -9.81 -20.07
N GLU B 134 -7.64 -8.84 -19.36
CA GLU B 134 -6.24 -8.50 -19.54
C GLU B 134 -5.33 -9.62 -19.00
N VAL B 135 -5.85 -10.49 -18.11
CA VAL B 135 -5.09 -11.61 -17.59
C VAL B 135 -5.84 -12.94 -17.82
N ALA B 136 -6.68 -12.96 -18.86
CA ALA B 136 -7.37 -14.17 -19.28
C ALA B 136 -6.62 -14.92 -20.38
N ALA B 137 -6.98 -16.18 -20.57
CA ALA B 137 -6.31 -17.09 -21.49
C ALA B 137 -7.20 -17.43 -22.70
N GLY B 138 -6.57 -17.43 -23.88
CA GLY B 138 -7.09 -18.04 -25.10
C GLY B 138 -8.59 -17.80 -25.29
N ASP B 139 -9.36 -18.89 -25.37
CA ASP B 139 -10.79 -18.84 -25.67
C ASP B 139 -11.60 -18.16 -24.56
N ASP B 140 -11.07 -18.17 -23.34
CA ASP B 140 -11.63 -17.48 -22.20
C ASP B 140 -11.70 -15.98 -22.46
N LYS B 141 -10.55 -15.43 -22.91
CA LYS B 141 -10.34 -14.01 -23.15
C LYS B 141 -11.35 -13.46 -24.14
N LYS B 142 -11.48 -14.13 -25.29
CA LYS B 142 -12.47 -13.80 -26.30
C LYS B 142 -13.85 -13.57 -25.70
N GLY B 143 -14.32 -14.53 -24.88
CA GLY B 143 -15.67 -14.43 -24.32
C GLY B 143 -15.74 -13.20 -23.38
N ILE B 144 -14.69 -12.99 -22.60
CA ILE B 144 -14.71 -11.98 -21.57
C ILE B 144 -14.63 -10.59 -22.19
N VAL B 145 -13.83 -10.44 -23.24
CA VAL B 145 -13.74 -9.17 -23.96
C VAL B 145 -15.12 -8.78 -24.49
N ASP B 146 -15.88 -9.80 -24.90
CA ASP B 146 -17.21 -9.60 -25.48
C ASP B 146 -18.17 -9.10 -24.41
N GLN B 147 -18.12 -9.77 -23.25
CA GLN B 147 -18.86 -9.28 -22.09
C GLN B 147 -18.43 -7.86 -21.68
N SER B 148 -17.14 -7.50 -21.78
CA SER B 148 -16.75 -6.13 -21.46
C SER B 148 -17.43 -5.17 -22.43
N GLN B 149 -17.40 -5.57 -23.71
CA GLN B 149 -17.96 -4.72 -24.77
C GLN B 149 -19.47 -4.56 -24.61
N GLN B 150 -20.19 -5.62 -24.24
CA GLN B 150 -21.64 -5.58 -24.13
C GLN B 150 -22.02 -4.61 -22.99
N ALA B 151 -21.29 -4.67 -21.86
CA ALA B 151 -21.65 -3.85 -20.72
C ALA B 151 -21.42 -2.36 -21.04
N TYR B 152 -20.26 -2.01 -21.58
CA TYR B 152 -20.03 -0.62 -21.99
C TYR B 152 -21.08 -0.19 -23.03
N GLN B 153 -21.41 -1.05 -24.00
CA GLN B 153 -22.37 -0.67 -25.05
C GLN B 153 -23.76 -0.42 -24.43
N GLU B 154 -24.24 -1.32 -23.57
CA GLU B 154 -25.48 -1.05 -22.85
C GLU B 154 -25.36 0.30 -22.14
N ALA B 155 -24.27 0.53 -21.43
CA ALA B 155 -24.12 1.77 -20.68
C ALA B 155 -24.17 2.97 -21.62
N PHE B 156 -23.52 2.83 -22.77
CA PHE B 156 -23.37 3.92 -23.71
C PHE B 156 -24.76 4.30 -24.22
N GLU B 157 -25.55 3.27 -24.55
CA GLU B 157 -26.86 3.44 -25.15
C GLU B 157 -27.84 4.05 -24.15
N ILE B 158 -27.80 3.64 -22.88
CA ILE B 158 -28.68 4.26 -21.89
C ILE B 158 -28.26 5.70 -21.68
N SER B 159 -26.95 5.98 -21.62
CA SER B 159 -26.45 7.32 -21.33
C SER B 159 -26.80 8.30 -22.46
N LYS B 160 -26.78 7.81 -23.70
CA LYS B 160 -27.10 8.66 -24.83
C LYS B 160 -28.57 9.07 -24.77
N LYS B 161 -29.43 8.14 -24.35
CA LYS B 161 -30.87 8.33 -24.33
C LYS B 161 -31.33 9.09 -23.08
N GLU B 162 -30.59 9.04 -21.96
CA GLU B 162 -31.16 9.43 -20.67
C GLU B 162 -30.28 10.37 -19.84
N MET B 163 -29.06 10.71 -20.27
CA MET B 163 -28.21 11.64 -19.52
C MET B 163 -27.75 12.78 -20.44
N GLN B 164 -27.44 13.97 -19.91
CA GLN B 164 -27.02 15.05 -20.78
C GLN B 164 -25.54 14.78 -21.09
N PRO B 165 -25.06 15.22 -22.28
CA PRO B 165 -23.69 14.91 -22.73
C PRO B 165 -22.52 15.31 -21.83
N THR B 166 -22.80 16.19 -20.85
CA THR B 166 -21.83 16.73 -19.91
C THR B 166 -21.71 15.85 -18.67
N HIS B 167 -22.73 15.05 -18.37
CA HIS B 167 -22.72 14.31 -17.10
C HIS B 167 -21.37 13.61 -16.93
N PRO B 168 -20.63 13.76 -15.79
CA PRO B 168 -19.34 13.08 -15.63
C PRO B 168 -19.37 11.55 -15.75
N ILE B 169 -20.50 10.93 -15.40
CA ILE B 169 -20.61 9.48 -15.53
C ILE B 169 -20.68 9.13 -17.02
N ARG B 170 -21.45 9.91 -17.80
CA ARG B 170 -21.56 9.70 -19.23
C ARG B 170 -20.21 9.91 -19.92
N LEU B 171 -19.46 10.97 -19.53
CA LEU B 171 -18.14 11.26 -20.06
C LEU B 171 -17.11 10.21 -19.61
N GLY B 172 -17.20 9.79 -18.34
CA GLY B 172 -16.30 8.78 -17.80
C GLY B 172 -16.46 7.47 -18.57
N LEU B 173 -17.70 7.14 -18.91
CA LEU B 173 -17.99 5.99 -19.74
C LEU B 173 -17.35 6.09 -21.11
N ALA B 174 -17.48 7.27 -21.76
CA ALA B 174 -16.86 7.46 -23.06
C ALA B 174 -15.35 7.29 -22.95
N LEU B 175 -14.71 7.85 -21.92
CA LEU B 175 -13.28 7.70 -21.75
C LEU B 175 -12.90 6.21 -21.68
N ASN B 176 -13.54 5.45 -20.76
CA ASN B 176 -13.13 4.06 -20.56
C ASN B 176 -13.52 3.19 -21.75
N PHE B 177 -14.67 3.45 -22.40
CA PHE B 177 -15.06 2.64 -23.55
C PHE B 177 -14.05 2.84 -24.67
N SER B 178 -13.66 4.10 -24.94
CA SER B 178 -12.72 4.38 -26.02
C SER B 178 -11.34 3.80 -25.70
N VAL B 179 -10.93 3.82 -24.43
CA VAL B 179 -9.74 3.12 -23.99
C VAL B 179 -9.84 1.62 -24.27
N PHE B 180 -11.01 1.00 -24.00
CA PHE B 180 -11.21 -0.42 -24.28
C PHE B 180 -10.98 -0.67 -25.77
N TYR B 181 -11.50 0.21 -26.62
CA TYR B 181 -11.35 0.02 -28.06
C TYR B 181 -9.87 0.11 -28.45
N TYR B 182 -9.16 1.08 -27.89
CA TYR B 182 -7.76 1.26 -28.25
C TYR B 182 -6.94 0.09 -27.70
N GLU B 183 -7.07 -0.17 -26.41
CA GLU B 183 -6.12 -1.01 -25.71
C GLU B 183 -6.47 -2.50 -25.82
N ILE B 184 -7.76 -2.82 -25.96
CA ILE B 184 -8.20 -4.20 -25.81
C ILE B 184 -8.53 -4.76 -27.18
N LEU B 185 -9.24 -3.98 -28.02
CA LEU B 185 -9.70 -4.47 -29.30
C LEU B 185 -8.77 -4.01 -30.43
N ASN B 186 -7.81 -3.15 -30.11
CA ASN B 186 -6.81 -2.66 -31.07
C ASN B 186 -7.51 -1.94 -32.22
N SER B 187 -8.45 -1.04 -31.89
CA SER B 187 -9.19 -0.30 -32.90
C SER B 187 -9.02 1.21 -32.64
N PRO B 188 -7.86 1.80 -33.01
CA PRO B 188 -7.66 3.25 -32.89
C PRO B 188 -8.72 4.13 -33.55
N GLU B 189 -9.28 3.69 -34.69
CA GLU B 189 -10.24 4.49 -35.40
C GLU B 189 -11.53 4.56 -34.58
N LYS B 190 -11.96 3.41 -34.05
CA LYS B 190 -13.17 3.37 -33.25
C LYS B 190 -12.98 4.16 -31.96
N ALA B 191 -11.81 4.02 -31.31
CA ALA B 191 -11.50 4.72 -30.06
C ALA B 191 -11.59 6.23 -30.24
N CYS B 192 -10.93 6.73 -31.29
CA CYS B 192 -10.81 8.16 -31.52
C CYS B 192 -12.18 8.72 -31.83
N SER B 193 -12.95 7.99 -32.63
CA SER B 193 -14.27 8.43 -33.04
C SER B 193 -15.18 8.62 -31.82
N LEU B 194 -15.08 7.66 -30.87
CA LEU B 194 -15.98 7.64 -29.74
C LEU B 194 -15.68 8.81 -28.80
N ALA B 195 -14.39 9.03 -28.56
CA ALA B 195 -13.88 10.14 -27.77
C ALA B 195 -14.24 11.50 -28.36
N LYS B 196 -14.13 11.67 -29.70
CA LYS B 196 -14.44 12.95 -30.32
C LYS B 196 -15.94 13.24 -30.23
N THR B 197 -16.78 12.22 -30.53
CA THR B 197 -18.23 12.38 -30.50
C THR B 197 -18.70 12.84 -29.12
N ALA B 198 -18.07 12.32 -28.06
CA ALA B 198 -18.49 12.58 -26.69
C ALA B 198 -18.03 13.98 -26.25
N PHE B 199 -16.80 14.34 -26.67
CA PHE B 199 -16.28 15.67 -26.42
C PHE B 199 -17.17 16.71 -27.11
N ASP B 200 -17.45 16.42 -28.37
CA ASP B 200 -18.30 17.23 -29.24
C ASP B 200 -19.67 17.46 -28.62
N GLU B 201 -20.33 16.37 -28.20
CA GLU B 201 -21.68 16.46 -27.65
C GLU B 201 -21.67 17.20 -26.32
N ALA B 202 -20.59 17.10 -25.56
CA ALA B 202 -20.49 17.81 -24.28
C ALA B 202 -20.33 19.32 -24.48
N ILE B 203 -19.53 19.71 -25.49
CA ILE B 203 -19.18 21.12 -25.64
C ILE B 203 -20.44 21.91 -25.92
N ALA B 204 -21.37 21.29 -26.65
CA ALA B 204 -22.66 21.86 -26.98
C ALA B 204 -23.38 22.40 -25.75
N GLU B 205 -23.08 21.87 -24.54
CA GLU B 205 -23.81 22.25 -23.33
C GLU B 205 -22.85 22.52 -22.15
N LEU B 206 -21.60 22.86 -22.43
CA LEU B 206 -20.74 23.38 -21.37
C LEU B 206 -21.19 24.78 -20.94
N ASP B 207 -21.95 25.48 -21.81
CA ASP B 207 -22.39 26.85 -21.54
C ASP B 207 -23.20 26.93 -20.25
N THR B 208 -23.85 25.82 -19.83
CA THR B 208 -24.84 25.86 -18.77
C THR B 208 -24.19 25.77 -17.39
N LEU B 209 -23.59 24.61 -17.11
CA LEU B 209 -23.42 24.09 -15.76
C LEU B 209 -23.28 25.25 -14.74
N LYS B 215 -16.11 21.92 -14.40
CA LYS B 215 -16.23 21.12 -13.16
C LYS B 215 -15.38 19.85 -13.32
N ASP B 216 -15.99 18.69 -13.03
CA ASP B 216 -15.34 17.40 -13.16
C ASP B 216 -15.53 16.90 -14.61
N SER B 217 -16.51 17.47 -15.31
CA SER B 217 -16.70 17.25 -16.73
C SER B 217 -15.46 17.69 -17.52
N THR B 218 -15.02 18.94 -17.28
CA THR B 218 -13.84 19.49 -17.91
C THR B 218 -12.65 18.55 -17.71
N LEU B 219 -12.47 18.03 -16.49
CA LEU B 219 -11.34 17.17 -16.21
C LEU B 219 -11.43 15.91 -17.08
N ILE B 220 -12.65 15.41 -17.35
CA ILE B 220 -12.76 14.18 -18.15
C ILE B 220 -12.59 14.53 -19.63
N MET B 221 -13.24 15.61 -20.09
CA MET B 221 -12.99 16.18 -21.41
C MET B 221 -11.49 16.33 -21.68
N GLN B 222 -10.72 16.76 -20.68
CA GLN B 222 -9.28 16.90 -20.86
C GLN B 222 -8.62 15.55 -21.06
N LEU B 223 -9.04 14.55 -20.26
CA LEU B 223 -8.53 13.18 -20.40
C LEU B 223 -8.85 12.63 -21.78
N LEU B 224 -10.06 12.93 -22.30
CA LEU B 224 -10.38 12.50 -23.65
C LEU B 224 -9.34 13.06 -24.63
N ARG B 225 -9.07 14.37 -24.52
CA ARG B 225 -8.15 15.01 -25.45
C ARG B 225 -6.76 14.35 -25.35
N ASP B 226 -6.28 14.21 -24.11
CA ASP B 226 -5.00 13.57 -23.81
C ASP B 226 -4.85 12.19 -24.46
N ASN B 227 -5.88 11.35 -24.36
CA ASN B 227 -5.83 10.02 -24.97
C ASN B 227 -5.68 10.17 -26.48
N LEU B 228 -6.44 11.10 -27.06
CA LEU B 228 -6.44 11.31 -28.50
C LEU B 228 -5.04 11.67 -28.98
N THR B 229 -4.37 12.57 -28.25
CA THR B 229 -3.01 13.00 -28.56
C THR B 229 -2.08 11.78 -28.53
N LEU B 230 -2.21 10.96 -27.48
CA LEU B 230 -1.37 9.77 -27.34
C LEU B 230 -1.58 8.82 -28.54
N TRP B 231 -2.84 8.57 -28.91
CA TRP B 231 -3.14 7.49 -29.84
C TRP B 231 -2.72 7.82 -31.27
N THR B 232 -2.90 9.09 -31.67
CA THR B 232 -2.58 9.51 -33.01
C THR B 232 -1.07 9.40 -33.23
N SER B 233 -0.29 9.99 -32.33
CA SER B 233 1.16 9.97 -32.42
C SER B 233 1.68 8.51 -32.45
N LEU C 18 4.57 -0.48 3.16
CA LEU C 18 4.17 0.64 2.25
C LEU C 18 4.41 1.97 2.97
N LYS C 19 5.40 2.01 3.89
CA LYS C 19 5.67 3.19 4.70
C LYS C 19 7.00 3.02 5.43
N ASN C 20 7.99 3.84 5.07
CA ASN C 20 9.26 3.93 5.80
C ASN C 20 8.98 4.34 7.24
N ILE C 21 9.59 3.64 8.20
CA ILE C 21 9.17 3.73 9.60
C ILE C 21 10.42 3.89 10.46
N ARG C 22 10.24 4.47 11.66
CA ARG C 22 11.35 4.90 12.52
C ARG C 22 12.34 3.76 12.31
N HIS C 23 13.57 4.15 11.91
CA HIS C 23 14.67 3.25 11.59
C HIS C 23 15.92 4.13 11.36
N LEU D 18 -2.41 0.26 -2.89
CA LEU D 18 -3.11 1.56 -2.71
C LEU D 18 -3.27 2.32 -4.03
N LYS D 19 -3.27 1.63 -5.18
CA LYS D 19 -3.11 2.28 -6.48
C LYS D 19 -4.48 2.38 -7.17
N ASN D 20 -4.65 3.38 -8.04
CA ASN D 20 -5.90 3.57 -8.77
C ASN D 20 -5.65 3.34 -10.25
N ILE D 21 -6.72 3.02 -10.99
CA ILE D 21 -6.58 2.41 -12.30
C ILE D 21 -7.56 3.05 -13.28
N ARG D 22 -7.66 2.48 -14.49
CA ARG D 22 -8.54 2.97 -15.56
C ARG D 22 -10.01 2.68 -15.22
N HIS D 23 -10.66 3.62 -14.51
CA HIS D 23 -11.97 3.42 -13.91
C HIS D 23 -12.58 4.78 -13.57
#